data_6YOO
#
_entry.id   6YOO
#
_cell.length_a   43.980
_cell.length_b   54.040
_cell.length_c   62.070
_cell.angle_alpha   90.000
_cell.angle_beta   90.000
_cell.angle_gamma   90.000
#
_symmetry.space_group_name_H-M   'P 21 21 21'
#
loop_
_entity.id
_entity.type
_entity.pdbx_description
1 polymer 'Gamma-aminobutyric acid receptor-associated protein-like 1'
2 polymer 'Sorting and assembly machinery component 50 homolog'
3 non-polymer 1,2-ETHANEDIOL
4 non-polymer 'ZINC ION'
5 non-polymer 'CHLORIDE ION'
6 water water
#
loop_
_entity_poly.entity_id
_entity_poly.type
_entity_poly.pdbx_seq_one_letter_code
_entity_poly.pdbx_strand_id
1 'polypeptide(L)'
;GPTMGSMKFQYKEDHPFEYRKKEGEKIRKKYPDRVPVIVEKAPKARVPDLDKRKYLVPSDLTVGQFYFLIRKRIHLRPED
ALFFFVNNTIPPTSATMGQLYEDNHEEDYFLYVAYSDESVYGK
;
A
2 'polypeptide(L)' EEAEFVEVEPEA B
#
# COMPACT_ATOMS: atom_id res chain seq x y z
N SER A 6 12.22 5.33 -8.94
CA SER A 6 12.09 6.74 -8.47
C SER A 6 10.95 6.96 -7.47
N MET A 7 10.52 5.93 -6.74
CA MET A 7 9.42 6.10 -5.81
CA MET A 7 9.42 6.10 -5.81
C MET A 7 9.90 6.86 -4.57
N LYS A 8 9.06 7.75 -4.09
CA LYS A 8 9.37 8.56 -2.91
C LYS A 8 8.19 8.44 -1.95
N PHE A 9 8.41 7.81 -0.80
CA PHE A 9 7.36 7.70 0.19
C PHE A 9 7.76 8.44 1.45
N GLN A 10 6.88 9.30 1.90
CA GLN A 10 7.10 10.01 3.14
C GLN A 10 7.25 9.05 4.31
N TYR A 11 6.56 7.92 4.24
CA TYR A 11 6.65 6.94 5.32
C TYR A 11 8.08 6.57 5.61
N LYS A 12 8.90 6.44 4.56
CA LYS A 12 10.27 6.01 4.73
CA LYS A 12 10.28 6.01 4.73
C LYS A 12 11.16 7.10 5.32
N GLU A 13 10.77 8.36 5.19
CA GLU A 13 11.45 9.44 5.90
C GLU A 13 11.05 9.47 7.36
N ASP A 14 9.79 9.19 7.66
CA ASP A 14 9.26 9.32 9.01
C ASP A 14 9.64 8.15 9.91
N HIS A 15 9.89 6.99 9.34
CA HIS A 15 10.13 5.77 10.11
C HIS A 15 11.41 5.17 9.56
N PRO A 16 12.38 4.87 10.41
CA PRO A 16 13.66 4.38 9.90
C PRO A 16 13.59 2.90 9.55
N PHE A 17 14.42 2.52 8.59
CA PHE A 17 14.41 1.16 8.05
C PHE A 17 14.46 0.12 9.14
N GLU A 18 15.34 0.28 10.13
CA GLU A 18 15.46 -0.74 11.15
C GLU A 18 14.12 -1.03 11.80
N TYR A 19 13.36 0.01 12.10
CA TYR A 19 12.10 -0.19 12.78
CA TYR A 19 12.08 -0.11 12.78
C TYR A 19 10.97 -0.52 11.83
N ARG A 20 11.03 -0.06 10.58
CA ARG A 20 10.09 -0.56 9.59
C ARG A 20 10.23 -2.06 9.46
N LYS A 21 11.47 -2.52 9.31
CA LYS A 21 11.70 -3.95 9.12
CA LYS A 21 11.71 -3.95 9.11
C LYS A 21 11.24 -4.74 10.31
N LYS A 22 11.54 -4.27 11.51
CA LYS A 22 11.06 -4.97 12.69
CA LYS A 22 11.06 -4.97 12.69
C LYS A 22 9.55 -5.12 12.67
N GLU A 23 8.84 -4.05 12.30
CA GLU A 23 7.39 -4.10 12.24
C GLU A 23 6.93 -5.03 11.14
N GLY A 24 7.54 -4.94 9.95
CA GLY A 24 7.15 -5.80 8.86
C GLY A 24 7.34 -7.28 9.20
N GLU A 25 8.46 -7.62 9.84
CA GLU A 25 8.69 -8.99 10.27
C GLU A 25 7.59 -9.42 11.22
N LYS A 26 7.31 -8.59 12.21
CA LYS A 26 6.33 -8.96 13.23
CA LYS A 26 6.33 -8.96 13.23
CA LYS A 26 6.33 -8.95 13.23
C LYS A 26 4.96 -9.18 12.62
N ILE A 27 4.55 -8.27 11.74
CA ILE A 27 3.19 -8.40 11.23
CA ILE A 27 3.21 -8.35 11.18
C ILE A 27 3.10 -9.52 10.22
N ARG A 28 4.15 -9.76 9.44
CA ARG A 28 4.15 -10.92 8.55
C ARG A 28 3.98 -12.21 9.33
N LYS A 29 4.67 -12.33 10.47
CA LYS A 29 4.58 -13.56 11.27
C LYS A 29 3.22 -13.68 11.93
N LYS A 30 2.67 -12.57 12.39
CA LYS A 30 1.42 -12.64 13.14
C LYS A 30 0.24 -12.96 12.24
N TYR A 31 0.28 -12.50 10.99
CA TYR A 31 -0.84 -12.63 10.06
C TYR A 31 -0.33 -13.29 8.79
N PRO A 32 -0.16 -14.61 8.82
CA PRO A 32 0.41 -15.31 7.66
C PRO A 32 -0.44 -15.20 6.42
N ASP A 33 -1.73 -14.89 6.56
N ASP A 33 -1.72 -14.91 6.51
CA ASP A 33 -2.68 -14.78 5.47
CA ASP A 33 -2.57 -14.79 5.33
C ASP A 33 -2.72 -13.39 4.84
C ASP A 33 -2.89 -13.34 4.99
N ARG A 34 -2.03 -12.43 5.43
CA ARG A 34 -2.14 -11.04 5.04
CA ARG A 34 -2.14 -11.03 5.06
C ARG A 34 -0.75 -10.49 4.75
N VAL A 35 -0.73 -9.34 4.08
CA VAL A 35 0.52 -8.66 3.81
C VAL A 35 0.41 -7.19 4.21
N PRO A 36 1.48 -6.60 4.70
CA PRO A 36 1.47 -5.19 5.10
C PRO A 36 1.82 -4.31 3.93
N VAL A 37 1.04 -3.25 3.80
CA VAL A 37 1.12 -2.34 2.65
C VAL A 37 1.10 -0.91 3.16
N ILE A 38 2.01 -0.11 2.65
CA ILE A 38 2.02 1.33 2.88
C ILE A 38 1.44 1.96 1.63
N VAL A 39 0.45 2.81 1.81
CA VAL A 39 -0.23 3.49 0.72
C VAL A 39 -0.09 4.99 0.93
N GLU A 40 0.31 5.70 -0.12
CA GLU A 40 0.39 7.15 -0.08
C GLU A 40 -0.02 7.69 -1.42
N LYS A 41 -0.44 8.94 -1.41
CA LYS A 41 -0.64 9.67 -2.65
CA LYS A 41 -0.64 9.65 -2.66
C LYS A 41 0.71 9.87 -3.31
N ALA A 42 0.77 9.73 -4.63
CA ALA A 42 2.00 10.02 -5.35
C ALA A 42 2.36 11.50 -5.19
N PRO A 43 3.64 11.82 -5.10
CA PRO A 43 4.03 13.22 -5.02
C PRO A 43 3.41 14.01 -6.16
N LYS A 44 2.89 15.18 -5.81
CA LYS A 44 2.38 16.18 -6.75
C LYS A 44 1.09 15.78 -7.43
N ALA A 45 0.46 14.70 -7.02
CA ALA A 45 -0.80 14.30 -7.60
C ALA A 45 -1.94 15.13 -7.05
N ARG A 46 -3.03 15.19 -7.82
CA ARG A 46 -4.22 15.96 -7.42
C ARG A 46 -5.30 14.98 -6.97
N VAL A 47 -5.05 14.38 -5.81
CA VAL A 47 -6.00 13.51 -5.14
C VAL A 47 -5.87 13.77 -3.66
N PRO A 48 -6.91 13.49 -2.88
CA PRO A 48 -6.81 13.65 -1.43
C PRO A 48 -5.83 12.70 -0.80
N ASP A 49 -5.18 13.16 0.26
CA ASP A 49 -4.49 12.28 1.19
C ASP A 49 -5.47 11.55 2.10
N LEU A 50 -5.12 10.32 2.45
CA LEU A 50 -5.88 9.56 3.42
C LEU A 50 -5.23 9.65 4.78
N ASP A 51 -6.05 9.59 5.82
CA ASP A 51 -5.49 9.54 7.16
C ASP A 51 -4.66 8.30 7.36
N LYS A 52 -5.14 7.17 6.89
CA LYS A 52 -4.46 5.92 7.14
C LYS A 52 -3.53 5.57 5.99
N ARG A 53 -2.31 5.24 6.34
CA ARG A 53 -1.29 4.87 5.39
C ARG A 53 -0.92 3.39 5.48
N LYS A 54 -1.23 2.71 6.57
CA LYS A 54 -0.77 1.35 6.80
C LYS A 54 -1.97 0.42 6.68
N TYR A 55 -1.87 -0.54 5.78
CA TYR A 55 -2.97 -1.45 5.47
C TYR A 55 -2.48 -2.88 5.62
N LEU A 56 -3.28 -3.69 6.28
CA LEU A 56 -3.00 -5.11 6.45
C LEU A 56 -4.00 -5.80 5.55
N VAL A 57 -3.51 -6.35 4.46
CA VAL A 57 -4.36 -6.73 3.33
C VAL A 57 -4.38 -8.24 3.18
N PRO A 58 -5.55 -8.85 3.06
CA PRO A 58 -5.59 -10.29 2.76
C PRO A 58 -4.80 -10.57 1.49
N SER A 59 -4.00 -11.62 1.52
CA SER A 59 -3.13 -11.89 0.37
CA SER A 59 -3.13 -11.91 0.38
C SER A 59 -3.92 -12.20 -0.88
N ASP A 60 -5.13 -12.73 -0.74
CA ASP A 60 -5.93 -13.05 -1.91
C ASP A 60 -6.82 -11.91 -2.38
N LEU A 61 -6.81 -10.77 -1.71
CA LEU A 61 -7.53 -9.62 -2.21
C LEU A 61 -6.90 -9.19 -3.53
N THR A 62 -7.71 -8.90 -4.53
CA THR A 62 -7.11 -8.51 -5.79
C THR A 62 -6.72 -7.04 -5.77
N VAL A 63 -5.79 -6.68 -6.65
CA VAL A 63 -5.45 -5.28 -6.86
C VAL A 63 -6.70 -4.48 -7.19
N GLY A 64 -7.60 -5.05 -8.01
CA GLY A 64 -8.83 -4.36 -8.33
C GLY A 64 -9.69 -4.08 -7.12
N GLN A 65 -9.76 -5.05 -6.21
CA GLN A 65 -10.53 -4.83 -4.99
C GLN A 65 -9.87 -3.77 -4.12
N PHE A 66 -8.55 -3.74 -4.12
CA PHE A 66 -7.85 -2.72 -3.34
C PHE A 66 -8.05 -1.34 -3.95
N TYR A 67 -8.02 -1.24 -5.28
N TYR A 67 -8.02 -1.29 -5.27
CA TYR A 67 -8.38 0.02 -5.92
CA TYR A 67 -8.38 -0.10 -6.03
C TYR A 67 -9.75 0.48 -5.46
C TYR A 67 -9.73 0.44 -5.60
N PHE A 68 -10.72 -0.44 -5.45
CA PHE A 68 -12.06 -0.03 -5.06
C PHE A 68 -12.05 0.57 -3.67
N LEU A 69 -11.32 -0.03 -2.74
CA LEU A 69 -11.27 0.50 -1.39
C LEU A 69 -10.66 1.89 -1.38
N ILE A 70 -9.52 2.05 -2.04
CA ILE A 70 -8.84 3.33 -2.00
C ILE A 70 -9.68 4.40 -2.68
N ARG A 71 -10.28 4.06 -3.82
CA ARG A 71 -11.16 5.00 -4.51
C ARG A 71 -12.28 5.46 -3.60
N LYS A 72 -12.87 4.52 -2.86
CA LYS A 72 -13.95 4.88 -1.96
C LYS A 72 -13.44 5.81 -0.87
N ARG A 73 -12.31 5.47 -0.27
CA ARG A 73 -11.79 6.27 0.82
C ARG A 73 -11.39 7.67 0.40
N ILE A 74 -10.90 7.84 -0.84
CA ILE A 74 -10.58 9.18 -1.33
C ILE A 74 -11.79 9.86 -1.94
N HIS A 75 -12.94 9.17 -2.00
CA HIS A 75 -14.20 9.74 -2.47
C HIS A 75 -14.18 10.08 -3.96
N LEU A 76 -13.50 9.25 -4.74
CA LEU A 76 -13.48 9.47 -6.18
CA LEU A 76 -13.47 9.47 -6.17
C LEU A 76 -14.82 9.12 -6.79
N ARG A 77 -15.22 9.91 -7.77
CA ARG A 77 -16.38 9.61 -8.57
C ARG A 77 -16.04 8.47 -9.53
N PRO A 78 -17.02 7.65 -9.91
CA PRO A 78 -16.72 6.51 -10.80
C PRO A 78 -15.99 6.90 -12.06
N GLU A 79 -16.26 8.09 -12.59
CA GLU A 79 -15.65 8.56 -13.84
C GLU A 79 -14.24 9.10 -13.66
N ASP A 80 -13.80 9.30 -12.42
CA ASP A 80 -12.48 9.83 -12.15
C ASP A 80 -11.44 8.71 -12.27
N ALA A 81 -10.27 9.04 -12.80
CA ALA A 81 -9.20 8.08 -12.95
C ALA A 81 -8.42 7.90 -11.64
N LEU A 82 -7.94 6.69 -11.43
CA LEU A 82 -6.99 6.45 -10.36
C LEU A 82 -6.04 5.37 -10.81
N PHE A 83 -4.76 5.59 -10.55
CA PHE A 83 -3.73 4.66 -10.91
C PHE A 83 -2.94 4.33 -9.66
N PHE A 84 -2.55 3.07 -9.52
CA PHE A 84 -1.57 2.69 -8.54
C PHE A 84 -0.22 2.56 -9.22
N PHE A 85 0.82 2.89 -8.46
CA PHE A 85 2.21 2.69 -8.86
C PHE A 85 2.94 1.92 -7.79
N VAL A 86 3.63 0.89 -8.22
CA VAL A 86 4.49 0.10 -7.37
C VAL A 86 5.77 -0.04 -8.13
N ASN A 87 6.87 0.44 -7.56
CA ASN A 87 8.15 0.43 -8.25
C ASN A 87 8.00 1.00 -9.66
N ASN A 88 7.28 2.12 -9.75
CA ASN A 88 7.10 2.94 -10.95
C ASN A 88 6.28 2.26 -12.03
N THR A 89 5.56 1.21 -11.69
CA THR A 89 4.80 0.43 -12.64
C THR A 89 3.36 0.32 -12.16
N ILE A 90 2.41 0.37 -13.08
CA ILE A 90 1.01 0.23 -12.75
C ILE A 90 0.67 -1.25 -12.72
N PRO A 91 0.21 -1.79 -11.60
CA PRO A 91 -0.01 -3.23 -11.50
C PRO A 91 -1.33 -3.63 -12.15
N PRO A 92 -1.44 -4.87 -12.61
CA PRO A 92 -2.71 -5.31 -13.19
C PRO A 92 -3.77 -5.58 -12.13
N THR A 93 -5.02 -5.28 -12.46
CA THR A 93 -6.11 -5.41 -11.49
C THR A 93 -6.37 -6.86 -11.09
N SER A 94 -6.06 -7.83 -11.95
CA SER A 94 -6.36 -9.22 -11.67
C SER A 94 -5.34 -9.88 -10.76
N ALA A 95 -4.19 -9.23 -10.55
CA ALA A 95 -3.20 -9.77 -9.64
C ALA A 95 -3.76 -9.70 -8.23
N THR A 96 -3.33 -10.62 -7.39
CA THR A 96 -3.65 -10.48 -5.99
C THR A 96 -2.65 -9.55 -5.33
N MET A 97 -3.06 -8.97 -4.21
CA MET A 97 -2.14 -8.16 -3.44
C MET A 97 -0.99 -8.99 -2.89
N GLY A 98 -1.25 -10.27 -2.62
CA GLY A 98 -0.16 -11.15 -2.24
C GLY A 98 0.89 -11.30 -3.32
N GLN A 99 0.47 -11.49 -4.57
CA GLN A 99 1.44 -11.58 -5.66
C GLN A 99 2.20 -10.29 -5.82
N LEU A 100 1.49 -9.17 -5.78
CA LEU A 100 2.14 -7.88 -5.89
C LEU A 100 3.16 -7.71 -4.79
N TYR A 101 2.78 -8.09 -3.57
CA TYR A 101 3.69 -8.05 -2.44
C TYR A 101 4.91 -8.93 -2.69
N GLU A 102 4.69 -10.18 -3.10
CA GLU A 102 5.81 -11.11 -3.27
C GLU A 102 6.84 -10.53 -4.21
N ASP A 103 6.40 -9.90 -5.28
CA ASP A 103 7.32 -9.46 -6.30
C ASP A 103 7.90 -8.09 -6.02
N ASN A 104 7.32 -7.32 -5.09
CA ASN A 104 7.69 -5.93 -4.94
C ASN A 104 7.96 -5.46 -3.52
N HIS A 105 7.69 -6.25 -2.49
CA HIS A 105 7.95 -5.76 -1.16
C HIS A 105 9.41 -5.40 -1.04
N GLU A 106 9.68 -4.40 -0.21
CA GLU A 106 11.03 -3.96 0.05
C GLU A 106 11.64 -4.77 1.18
N GLU A 107 12.87 -4.42 1.53
CA GLU A 107 13.63 -5.21 2.50
C GLU A 107 13.13 -5.03 3.92
N ASP A 108 12.21 -4.12 4.15
CA ASP A 108 11.52 -3.99 5.42
C ASP A 108 10.23 -4.79 5.46
N TYR A 109 9.97 -5.58 4.43
CA TYR A 109 8.81 -6.46 4.37
C TYR A 109 7.50 -5.69 4.18
N PHE A 110 7.56 -4.41 3.82
CA PHE A 110 6.37 -3.69 3.40
CA PHE A 110 6.37 -3.68 3.39
C PHE A 110 6.31 -3.59 1.87
N LEU A 111 5.10 -3.65 1.35
CA LEU A 111 4.83 -3.26 -0.03
C LEU A 111 4.42 -1.79 -0.02
N TYR A 112 4.97 -1.02 -0.94
CA TYR A 112 4.69 0.42 -1.05
C TYR A 112 3.89 0.68 -2.32
N VAL A 113 2.71 1.25 -2.13
CA VAL A 113 1.81 1.56 -3.23
C VAL A 113 1.51 3.05 -3.21
N ALA A 114 1.72 3.72 -4.34
CA ALA A 114 1.27 5.09 -4.49
C ALA A 114 0.01 5.11 -5.32
N TYR A 115 -0.88 6.05 -5.02
CA TYR A 115 -2.05 6.27 -5.85
C TYR A 115 -2.02 7.68 -6.43
N SER A 116 -2.64 7.83 -7.59
CA SER A 116 -2.55 9.09 -8.29
C SER A 116 -3.69 9.22 -9.28
N ASP A 117 -4.08 10.46 -9.54
CA ASP A 117 -4.96 10.75 -10.67
C ASP A 117 -4.23 10.68 -11.99
N GLU A 118 -2.91 10.71 -11.98
CA GLU A 118 -2.09 10.77 -13.17
C GLU A 118 -1.62 9.37 -13.57
N SER A 119 -1.48 9.17 -14.87
CA SER A 119 -1.06 7.90 -15.45
C SER A 119 0.45 7.73 -15.46
N VAL A 120 1.20 8.72 -14.99
N VAL A 120 1.19 8.73 -14.99
CA VAL A 120 2.64 8.63 -14.84
CA VAL A 120 2.63 8.66 -14.83
C VAL A 120 2.96 9.15 -13.45
C VAL A 120 2.95 9.14 -13.43
N TYR A 121 3.95 8.55 -12.81
CA TYR A 121 4.19 8.78 -11.41
C TYR A 121 4.99 10.03 -11.12
N GLY A 122 4.54 10.77 -10.11
CA GLY A 122 5.42 11.55 -9.28
C GLY A 122 5.68 12.99 -9.61
N LYS A 123 5.14 13.53 -10.71
CA LYS A 123 5.31 14.94 -11.01
C LYS A 123 4.00 15.58 -11.44
N GLU B 1 3.58 9.62 14.61
CA GLU B 1 3.29 8.58 15.59
C GLU B 1 3.14 7.25 14.87
N GLU B 2 2.80 6.21 15.64
CA GLU B 2 2.79 4.83 15.17
C GLU B 2 1.36 4.33 15.10
N ALA B 3 0.75 4.49 13.93
CA ALA B 3 -0.64 4.12 13.75
C ALA B 3 -0.79 2.60 13.65
N GLU B 4 -1.97 2.12 14.02
CA GLU B 4 -2.30 0.74 13.75
C GLU B 4 -2.59 0.54 12.26
N PHE B 5 -2.42 -0.68 11.82
CA PHE B 5 -2.83 -1.06 10.48
C PHE B 5 -4.33 -1.04 10.37
N VAL B 6 -4.80 -0.62 9.21
CA VAL B 6 -6.17 -0.85 8.79
C VAL B 6 -6.30 -2.32 8.44
N GLU B 7 -7.25 -2.99 9.06
CA GLU B 7 -7.49 -4.39 8.75
CA GLU B 7 -7.49 -4.40 8.75
C GLU B 7 -8.49 -4.43 7.61
N VAL B 8 -7.98 -4.63 6.41
CA VAL B 8 -8.81 -4.61 5.22
C VAL B 8 -9.65 -5.87 5.19
N GLU B 9 -10.94 -5.71 4.97
N GLU B 9 -10.94 -5.71 4.88
CA GLU B 9 -11.84 -6.85 4.97
CA GLU B 9 -11.91 -6.80 4.95
C GLU B 9 -11.80 -7.53 3.60
C GLU B 9 -12.04 -7.58 3.64
N PRO B 10 -11.93 -8.87 3.56
N PRO B 10 -12.65 -6.98 2.59
CA PRO B 10 -12.13 -9.52 2.27
CA PRO B 10 -13.22 -7.75 1.46
C PRO B 10 -13.46 -9.13 1.61
C PRO B 10 -12.43 -8.99 1.06
#